data_5HKY
#
_entry.id   5HKY
#
_cell.length_a   122.810
_cell.length_b   122.810
_cell.length_c   58.440
_cell.angle_alpha   90.000
_cell.angle_beta   90.000
_cell.angle_gamma   120.000
#
_symmetry.space_group_name_H-M   'P 6'
#
loop_
_entity.id
_entity.type
_entity.pdbx_description
1 polymer 'E3 ubiquitin-protein ligase CBL'
2 polymer 'Protein sprouty homolog 2'
3 non-polymer 'CHLORIDE ION'
4 non-polymer 'SODIUM ION'
5 non-polymer 'PENTAETHYLENE GLYCOL'
6 water water
#
loop_
_entity_poly.entity_id
_entity_poly.type
_entity_poly.pdbx_seq_one_letter_code
_entity_poly.pdbx_strand_id
1 'polypeptide(L)'
;SNAPPGTVDKKMVEKCWKLMDKVVRLCQNPKLALKNSPPYILDLLPDTYQHLRTILSRYEGKMETLGENEYFRVFMENLM
KKTKQTISLFKEGKERMYEENSQPRRNLTKLSLIFSHMLAELKGIFPSGLFQGDTFRITKADAAEFWRKAFGEKTIVPWK
SFRQALHEVHPISSGLEAMALKSTIDLTCNDYISVFEFDIFTRLFQPWSSLLRNWNSLAVTHPGYMAFLTYDEVKARLQK
FIHKPGSYIFRLSCTRLGQWAIGYVTADGNILQTIPHNKPLFQALIDGFREGFYLFPDGRNQNPDLTG
;
A
2 'polypeptide(L)' (ACE)QQVHVLSLDQIRAIRNTNE(PTR)TEGPT B
#
loop_
_chem_comp.id
_chem_comp.type
_chem_comp.name
_chem_comp.formula
1PE non-polymer 'PENTAETHYLENE GLYCOL' 'C10 H22 O6'
ACE non-polymer 'ACETYL GROUP' 'C2 H4 O'
CL non-polymer 'CHLORIDE ION' 'Cl -1'
NA non-polymer 'SODIUM ION' 'Na 1'
#
# COMPACT_ATOMS: atom_id res chain seq x y z
N PRO A 5 -5.03 7.90 -20.79
CA PRO A 5 -6.30 7.65 -20.10
C PRO A 5 -7.37 8.66 -20.50
N GLY A 6 -8.59 8.18 -20.71
CA GLY A 6 -9.64 9.03 -21.23
C GLY A 6 -10.08 10.10 -20.24
N THR A 7 -10.72 11.12 -20.79
CA THR A 7 -11.31 12.18 -20.00
C THR A 7 -12.38 11.62 -19.07
N VAL A 8 -12.36 12.06 -17.82
CA VAL A 8 -13.36 11.63 -16.85
C VAL A 8 -14.57 12.54 -16.98
N ASP A 9 -15.71 11.95 -17.27
CA ASP A 9 -17.02 12.61 -17.22
C ASP A 9 -17.86 11.89 -16.18
N LYS A 10 -18.95 12.55 -15.77
CA LYS A 10 -19.88 11.95 -14.83
C LYS A 10 -20.17 10.50 -15.21
N LYS A 11 -20.46 10.27 -16.50
CA LYS A 11 -20.80 8.93 -16.97
C LYS A 11 -19.73 7.90 -16.64
N MET A 12 -18.45 8.28 -16.71
CA MET A 12 -17.40 7.34 -16.36
C MET A 12 -17.44 7.03 -14.87
N VAL A 13 -17.63 8.05 -14.04
CA VAL A 13 -17.73 7.81 -12.60
C VAL A 13 -18.92 6.92 -12.29
N GLU A 14 -20.06 7.15 -12.96
CA GLU A 14 -21.24 6.31 -12.74
C GLU A 14 -20.92 4.85 -13.03
N LYS A 15 -20.24 4.58 -14.15
CA LYS A 15 -19.85 3.21 -14.47
C LYS A 15 -18.94 2.63 -13.40
N CYS A 16 -18.01 3.43 -12.90
CA CYS A 16 -17.07 2.94 -11.88
C CYS A 16 -17.80 2.63 -10.58
N TRP A 17 -18.75 3.48 -10.20
CA TRP A 17 -19.55 3.20 -9.01
C TRP A 17 -20.33 1.90 -9.16
N LYS A 18 -20.85 1.61 -10.35
CA LYS A 18 -21.59 0.36 -10.54
C LYS A 18 -20.67 -0.85 -10.40
N LEU A 19 -19.43 -0.72 -10.88
CA LEU A 19 -18.49 -1.82 -10.74
C LEU A 19 -18.10 -2.02 -9.29
N MET A 20 -17.89 -0.92 -8.55
CA MET A 20 -17.58 -1.03 -7.14
C MET A 20 -18.74 -1.63 -6.37
N ASP A 21 -19.98 -1.26 -6.74
CA ASP A 21 -21.15 -1.84 -6.10
C ASP A 21 -21.20 -3.34 -6.33
N LYS A 22 -20.81 -3.82 -7.51
CA LYS A 22 -20.79 -5.26 -7.72
C LYS A 22 -19.74 -5.95 -6.84
N VAL A 23 -18.57 -5.34 -6.67
CA VAL A 23 -17.56 -5.93 -5.80
C VAL A 23 -18.05 -5.98 -4.35
N VAL A 24 -18.62 -4.89 -3.84
CA VAL A 24 -19.09 -4.88 -2.46
CA VAL A 24 -19.05 -4.93 -2.45
C VAL A 24 -20.14 -5.97 -2.23
N ARG A 25 -20.96 -6.23 -3.26
CA ARG A 25 -21.98 -7.25 -3.14
C ARG A 25 -21.36 -8.65 -3.12
N LEU A 26 -20.39 -8.91 -4.00
CA LEU A 26 -19.68 -10.19 -4.02
C LEU A 26 -19.00 -10.45 -2.68
N CYS A 27 -18.46 -9.40 -2.05
CA CYS A 27 -17.67 -9.56 -0.83
C CYS A 27 -18.54 -9.69 0.43
N GLN A 28 -19.87 -9.62 0.32
CA GLN A 28 -20.75 -9.89 1.46
C GLN A 28 -21.20 -11.36 1.52
N ASN A 29 -20.65 -12.21 0.68
CA ASN A 29 -20.92 -13.64 0.72
C ASN A 29 -20.41 -14.24 2.03
N PRO A 30 -21.27 -14.87 2.85
CA PRO A 30 -20.78 -15.42 4.14
C PRO A 30 -19.73 -16.48 3.98
N LYS A 31 -19.67 -17.17 2.84
CA LYS A 31 -18.66 -18.19 2.63
C LYS A 31 -17.26 -17.63 2.64
N LEU A 32 -17.13 -16.33 2.32
CA LEU A 32 -15.80 -15.73 2.22
C LEU A 32 -15.11 -15.61 3.56
N ALA A 33 -15.88 -15.42 4.63
CA ALA A 33 -15.34 -15.22 5.97
C ALA A 33 -14.33 -14.06 5.99
N LEU A 34 -14.63 -12.98 5.27
CA LEU A 34 -13.74 -11.83 5.25
C LEU A 34 -13.63 -11.19 6.62
N LYS A 35 -12.40 -10.98 7.09
CA LYS A 35 -12.23 -10.26 8.36
C LYS A 35 -12.30 -8.76 8.11
N ASN A 36 -12.76 -8.03 9.14
CA ASN A 36 -12.88 -6.56 9.08
C ASN A 36 -11.57 -5.84 9.32
N SER A 37 -10.46 -6.56 9.33
CA SER A 37 -9.18 -5.96 9.64
C SER A 37 -8.72 -5.11 8.45
N PRO A 38 -8.18 -3.93 8.69
CA PRO A 38 -7.57 -3.23 7.55
C PRO A 38 -6.48 -4.09 6.90
N PRO A 39 -6.43 -4.19 5.55
CA PRO A 39 -7.31 -3.51 4.58
C PRO A 39 -8.56 -4.34 4.37
N TYR A 40 -9.70 -3.67 4.48
CA TYR A 40 -11.02 -4.32 4.44
C TYR A 40 -11.81 -3.71 3.29
N ILE A 41 -12.06 -4.53 2.27
CA ILE A 41 -12.64 -4.01 1.04
C ILE A 41 -14.03 -3.42 1.28
N LEU A 42 -14.77 -3.95 2.26
CA LEU A 42 -16.11 -3.43 2.51
C LEU A 42 -16.09 -2.10 3.27
N ASP A 43 -14.96 -1.67 3.82
CA ASP A 43 -14.76 -0.28 4.23
C ASP A 43 -14.19 0.57 3.09
N LEU A 44 -13.23 0.04 2.33
CA LEU A 44 -12.44 0.84 1.40
C LEU A 44 -13.26 1.29 0.20
N LEU A 45 -14.06 0.39 -0.37
CA LEU A 45 -14.74 0.85 -1.57
C LEU A 45 -15.84 1.84 -1.21
N PRO A 46 -16.64 1.62 -0.16
CA PRO A 46 -17.57 2.69 0.26
C PRO A 46 -16.86 3.99 0.60
N ASP A 47 -15.68 3.96 1.24
CA ASP A 47 -14.99 5.21 1.52
C ASP A 47 -14.50 5.88 0.24
N THR A 48 -14.05 5.08 -0.73
CA THR A 48 -13.61 5.64 -1.99
C THR A 48 -14.79 6.29 -2.71
N TYR A 49 -15.93 5.60 -2.74
CA TYR A 49 -17.17 6.18 -3.25
C TYR A 49 -17.51 7.52 -2.58
N GLN A 50 -17.45 7.59 -1.25
CA GLN A 50 -17.77 8.84 -0.58
C GLN A 50 -16.78 9.94 -0.93
N HIS A 51 -15.49 9.60 -1.04
CA HIS A 51 -14.53 10.65 -1.35
C HIS A 51 -14.72 11.14 -2.78
N LEU A 52 -15.07 10.25 -3.70
CA LEU A 52 -15.37 10.65 -5.06
C LEU A 52 -16.64 11.51 -5.12
N ARG A 53 -17.66 11.17 -4.33
CA ARG A 53 -18.81 12.06 -4.17
C ARG A 53 -18.37 13.46 -3.76
N THR A 54 -17.49 13.54 -2.76
CA THR A 54 -16.99 14.83 -2.29
C THR A 54 -16.27 15.59 -3.40
N ILE A 55 -15.37 14.94 -4.12
CA ILE A 55 -14.67 15.61 -5.22
C ILE A 55 -15.66 16.14 -6.24
N LEU A 56 -16.57 15.28 -6.67
CA LEU A 56 -17.53 15.70 -7.68
C LEU A 56 -18.35 16.89 -7.19
N SER A 57 -18.68 16.92 -5.90
CA SER A 57 -19.50 18.01 -5.37
C SER A 57 -18.70 19.31 -5.32
N ARG A 58 -17.40 19.22 -5.03
CA ARG A 58 -16.57 20.42 -5.03
C ARG A 58 -16.36 20.98 -6.43
N TYR A 59 -16.46 20.14 -7.47
CA TYR A 59 -16.25 20.56 -8.84
C TYR A 59 -17.56 20.73 -9.61
N GLU A 60 -18.68 20.89 -8.89
CA GLU A 60 -19.94 21.23 -9.54
C GLU A 60 -19.74 22.45 -10.43
N GLY A 61 -20.12 22.32 -11.70
CA GLY A 61 -19.92 23.39 -12.67
C GLY A 61 -18.50 23.60 -13.11
N LYS A 62 -17.56 22.73 -12.72
CA LYS A 62 -16.17 22.78 -13.14
C LYS A 62 -15.72 21.43 -13.64
N MET A 63 -16.65 20.64 -14.17
CA MET A 63 -16.34 19.27 -14.56
C MET A 63 -15.34 19.18 -15.69
N GLU A 64 -15.34 20.14 -16.62
CA GLU A 64 -14.30 20.15 -17.65
C GLU A 64 -12.93 20.25 -17.01
N THR A 65 -12.80 21.10 -15.99
CA THR A 65 -11.54 21.23 -15.26
C THR A 65 -11.15 19.91 -14.60
N LEU A 66 -12.07 19.31 -13.85
CA LEU A 66 -11.77 18.04 -13.18
C LEU A 66 -11.43 16.94 -14.18
N GLY A 67 -12.23 16.82 -15.25
CA GLY A 67 -12.07 15.72 -16.19
C GLY A 67 -10.75 15.73 -16.94
N GLU A 68 -10.13 16.90 -17.04
CA GLU A 68 -8.83 17.07 -17.68
C GLU A 68 -7.65 16.88 -16.73
N ASN A 69 -7.86 16.87 -15.42
CA ASN A 69 -6.75 16.73 -14.49
C ASN A 69 -6.02 15.40 -14.70
N GLU A 70 -4.71 15.46 -14.89
CA GLU A 70 -3.98 14.25 -15.31
C GLU A 70 -3.99 13.18 -14.22
N TYR A 71 -3.71 13.56 -12.98
CA TYR A 71 -3.77 12.57 -11.89
C TYR A 71 -5.14 11.91 -11.83
N PHE A 72 -6.22 12.70 -11.89
CA PHE A 72 -7.54 12.14 -11.72
C PHE A 72 -7.90 11.20 -12.85
N ARG A 73 -7.42 11.49 -14.07
CA ARG A 73 -7.66 10.56 -15.18
C ARG A 73 -6.94 9.24 -14.96
N VAL A 74 -5.68 9.31 -14.51
CA VAL A 74 -4.94 8.07 -14.23
C VAL A 74 -5.61 7.31 -13.09
N PHE A 75 -6.03 8.03 -12.04
CA PHE A 75 -6.64 7.37 -10.90
C PHE A 75 -7.90 6.63 -11.31
N MET A 76 -8.78 7.31 -12.05
CA MET A 76 -10.05 6.68 -12.42
C MET A 76 -9.86 5.51 -13.34
N GLU A 77 -8.91 5.61 -14.28
CA GLU A 77 -8.63 4.46 -15.13
C GLU A 77 -8.19 3.28 -14.31
N ASN A 78 -7.32 3.53 -13.33
CA ASN A 78 -6.80 2.44 -12.49
C ASN A 78 -7.88 1.87 -11.58
N LEU A 79 -8.75 2.72 -11.02
CA LEU A 79 -9.82 2.22 -10.17
C LEU A 79 -10.77 1.33 -10.97
N MET A 80 -11.10 1.73 -12.18
CA MET A 80 -11.95 0.89 -13.01
C MET A 80 -11.25 -0.42 -13.33
N LYS A 81 -9.95 -0.37 -13.63
CA LYS A 81 -9.22 -1.57 -14.00
C LYS A 81 -9.14 -2.54 -12.83
N LYS A 82 -8.86 -2.02 -11.63
CA LYS A 82 -8.72 -2.88 -10.46
C LYS A 82 -10.06 -3.45 -10.03
N THR A 83 -11.14 -2.69 -10.19
CA THR A 83 -12.45 -3.22 -9.81
CA THR A 83 -12.47 -3.20 -9.83
C THR A 83 -12.89 -4.32 -10.79
N LYS A 84 -12.61 -4.15 -12.09
CA LYS A 84 -12.91 -5.21 -13.05
C LYS A 84 -12.08 -6.45 -12.78
N GLN A 85 -10.80 -6.25 -12.43
CA GLN A 85 -9.94 -7.38 -12.05
C GLN A 85 -10.52 -8.15 -10.88
N THR A 86 -11.11 -7.44 -9.91
CA THR A 86 -11.67 -8.11 -8.73
C THR A 86 -12.91 -8.90 -9.12
N ILE A 87 -13.78 -8.31 -9.95
CA ILE A 87 -14.96 -9.03 -10.43
C ILE A 87 -14.55 -10.29 -11.18
N SER A 88 -13.54 -10.18 -12.05
CA SER A 88 -13.06 -11.34 -12.81
C SER A 88 -12.46 -12.39 -11.90
N LEU A 89 -11.76 -11.95 -10.85
CA LEU A 89 -11.20 -12.88 -9.89
C LEU A 89 -12.28 -13.78 -9.29
N PHE A 90 -13.42 -13.21 -8.93
CA PHE A 90 -14.50 -14.02 -8.40
C PHE A 90 -15.05 -14.96 -9.47
N LYS A 91 -15.23 -14.46 -10.69
CA LYS A 91 -15.81 -15.29 -11.74
C LYS A 91 -14.91 -16.49 -12.02
N GLU A 92 -13.59 -16.26 -12.14
CA GLU A 92 -12.67 -17.33 -12.49
C GLU A 92 -12.28 -18.21 -11.30
N GLY A 93 -12.34 -17.69 -10.08
CA GLY A 93 -11.89 -18.43 -8.93
C GLY A 93 -12.94 -19.37 -8.40
N LYS A 94 -14.20 -19.02 -8.65
CA LYS A 94 -15.37 -19.81 -8.21
C LYS A 94 -15.18 -20.33 -6.79
N GLU A 95 -15.42 -21.62 -6.57
CA GLU A 95 -15.38 -22.16 -5.21
C GLU A 95 -14.03 -21.99 -4.52
N ARG A 96 -12.94 -21.75 -5.27
CA ARG A 96 -11.64 -21.51 -4.64
C ARG A 96 -11.59 -20.19 -3.88
N MET A 97 -12.50 -19.25 -4.17
CA MET A 97 -12.58 -18.02 -3.39
C MET A 97 -12.82 -18.28 -1.91
N TYR A 98 -13.42 -19.42 -1.58
CA TYR A 98 -13.87 -19.70 -0.21
C TYR A 98 -12.87 -20.51 0.58
N GLU A 99 -11.71 -20.82 0.00
CA GLU A 99 -10.66 -21.54 0.69
C GLU A 99 -9.59 -20.53 1.09
N GLU A 100 -9.46 -20.30 2.39
CA GLU A 100 -8.28 -19.64 2.89
C GLU A 100 -7.05 -20.31 2.29
N ASN A 101 -6.08 -19.51 1.90
CA ASN A 101 -4.78 -19.94 1.38
C ASN A 101 -4.84 -20.40 -0.08
N SER A 102 -5.99 -20.35 -0.76
CA SER A 102 -6.01 -20.48 -2.20
C SER A 102 -5.33 -19.28 -2.86
N GLN A 103 -4.91 -19.48 -4.09
CA GLN A 103 -4.27 -18.36 -4.76
C GLN A 103 -5.29 -17.26 -5.04
N PRO A 104 -6.52 -17.60 -5.46
CA PRO A 104 -7.51 -16.53 -5.69
C PRO A 104 -7.77 -15.70 -4.45
N ARG A 105 -7.72 -16.29 -3.26
CA ARG A 105 -7.97 -15.52 -2.05
C ARG A 105 -6.78 -14.65 -1.69
N ARG A 106 -5.56 -15.14 -1.90
CA ARG A 106 -4.38 -14.30 -1.77
C ARG A 106 -4.45 -13.11 -2.72
N ASN A 107 -4.91 -13.35 -3.96
CA ASN A 107 -5.09 -12.26 -4.91
C ASN A 107 -6.10 -11.23 -4.39
N LEU A 108 -7.18 -11.69 -3.76
CA LEU A 108 -8.18 -10.75 -3.25
C LEU A 108 -7.61 -9.92 -2.11
N THR A 109 -6.78 -10.53 -1.27
CA THR A 109 -6.10 -9.77 -0.22
C THR A 109 -5.16 -8.74 -0.81
N LYS A 110 -4.39 -9.11 -1.80
CA LYS A 110 -3.49 -8.15 -2.43
C LYS A 110 -4.28 -7.01 -3.06
N LEU A 111 -5.43 -7.31 -3.70
CA LEU A 111 -6.24 -6.25 -4.26
C LEU A 111 -6.80 -5.34 -3.17
N SER A 112 -7.16 -5.90 -2.01
CA SER A 112 -7.63 -5.11 -0.87
C SER A 112 -6.57 -4.12 -0.45
N LEU A 113 -5.32 -4.56 -0.39
CA LEU A 113 -4.19 -3.69 -0.08
C LEU A 113 -4.04 -2.59 -1.13
N ILE A 114 -4.14 -2.95 -2.40
CA ILE A 114 -4.04 -1.93 -3.46
C ILE A 114 -5.19 -0.92 -3.35
N PHE A 115 -6.41 -1.36 -3.07
CA PHE A 115 -7.49 -0.40 -2.89
C PHE A 115 -7.20 0.52 -1.72
N SER A 116 -6.57 -0.01 -0.67
CA SER A 116 -6.22 0.84 0.47
C SER A 116 -5.20 1.89 0.09
N HIS A 117 -4.16 1.49 -0.65
CA HIS A 117 -3.14 2.45 -1.08
C HIS A 117 -3.73 3.49 -2.03
N MET A 118 -4.64 3.07 -2.92
CA MET A 118 -5.30 4.00 -3.84
C MET A 118 -6.12 5.04 -3.11
N LEU A 119 -6.87 4.61 -2.08
CA LEU A 119 -7.69 5.56 -1.32
C LEU A 119 -6.82 6.56 -0.58
N ALA A 120 -5.74 6.08 0.04
CA ALA A 120 -4.84 6.94 0.76
C ALA A 120 -4.24 7.98 -0.18
N GLU A 121 -3.85 7.55 -1.38
CA GLU A 121 -3.30 8.46 -2.36
C GLU A 121 -4.33 9.50 -2.79
N LEU A 122 -5.55 9.06 -3.11
CA LEU A 122 -6.60 10.00 -3.50
C LEU A 122 -6.85 11.05 -2.42
N LYS A 123 -6.88 10.64 -1.16
CA LYS A 123 -7.07 11.58 -0.07
C LYS A 123 -5.86 12.49 0.12
N GLY A 124 -4.68 11.99 -0.19
CA GLY A 124 -3.49 12.83 -0.10
C GLY A 124 -3.43 13.90 -1.18
N ILE A 125 -3.96 13.61 -2.37
CA ILE A 125 -3.91 14.53 -3.51
C ILE A 125 -5.14 15.42 -3.56
N PHE A 126 -6.30 14.89 -3.15
CA PHE A 126 -7.57 15.62 -3.09
C PHE A 126 -8.04 15.70 -1.65
N PRO A 127 -7.26 16.31 -0.76
CA PRO A 127 -7.76 16.49 0.60
C PRO A 127 -8.93 17.46 0.56
N SER A 128 -9.99 17.11 1.25
CA SER A 128 -11.22 17.91 1.26
C SER A 128 -11.87 17.99 -0.12
N GLY A 129 -11.45 17.15 -1.06
CA GLY A 129 -12.12 17.08 -2.34
C GLY A 129 -11.59 18.01 -3.41
N LEU A 130 -10.65 18.89 -3.09
CA LEU A 130 -10.04 19.79 -4.06
C LEU A 130 -8.65 19.31 -4.45
N PHE A 131 -8.33 19.43 -5.73
CA PHE A 131 -6.98 19.01 -6.17
C PHE A 131 -5.88 19.88 -5.55
N GLN A 132 -4.97 19.25 -4.83
CA GLN A 132 -3.83 19.92 -4.22
CA GLN A 132 -3.84 19.92 -4.21
C GLN A 132 -2.54 19.16 -4.50
N GLY A 133 -2.51 18.41 -5.60
CA GLY A 133 -1.32 17.63 -5.92
C GLY A 133 -0.11 18.50 -6.18
N ASP A 134 -0.32 19.63 -6.85
CA ASP A 134 0.80 20.49 -7.18
C ASP A 134 1.43 21.08 -5.93
N THR A 135 0.67 21.21 -4.84
CA THR A 135 1.16 21.79 -3.59
C THR A 135 1.52 20.73 -2.55
N PHE A 136 1.50 19.45 -2.92
CA PHE A 136 1.81 18.38 -1.98
C PHE A 136 3.17 18.61 -1.34
N ARG A 137 3.26 18.45 -0.02
CA ARG A 137 4.50 18.70 0.72
C ARG A 137 5.23 17.39 0.95
N ILE A 138 6.34 17.19 0.23
CA ILE A 138 7.14 16.00 0.40
C ILE A 138 7.88 16.06 1.74
N THR A 139 7.88 14.94 2.44
CA THR A 139 8.28 14.91 3.85
C THR A 139 9.79 15.07 4.06
N LYS A 140 10.62 14.42 3.25
CA LYS A 140 12.07 14.44 3.43
C LYS A 140 12.63 15.53 2.52
N ALA A 141 13.38 16.47 3.10
CA ALA A 141 13.82 17.65 2.36
C ALA A 141 14.66 17.30 1.13
N ASP A 142 15.58 16.35 1.27
CA ASP A 142 16.42 15.97 0.13
C ASP A 142 15.62 15.29 -0.97
N ALA A 143 14.59 14.52 -0.60
CA ALA A 143 13.72 13.92 -1.60
C ALA A 143 12.90 14.98 -2.30
N ALA A 144 12.40 15.96 -1.53
CA ALA A 144 11.64 17.05 -2.11
C ALA A 144 12.44 17.80 -3.16
N GLU A 145 13.72 18.05 -2.87
CA GLU A 145 14.57 18.76 -3.81
C GLU A 145 14.72 17.99 -5.12
N PHE A 146 14.88 16.66 -5.02
CA PHE A 146 14.93 15.82 -6.21
C PHE A 146 13.68 15.96 -7.06
N TRP A 147 12.51 15.81 -6.44
CA TRP A 147 11.26 15.79 -7.20
C TRP A 147 11.04 17.12 -7.91
N ARG A 148 11.30 18.21 -7.20
CA ARG A 148 11.02 19.53 -7.75
C ARG A 148 12.02 19.86 -8.85
N LYS A 149 13.27 19.45 -8.68
CA LYS A 149 14.25 19.65 -9.75
C LYS A 149 13.91 18.84 -11.00
N ALA A 150 13.44 17.59 -10.83
CA ALA A 150 13.18 16.73 -11.98
C ALA A 150 11.80 16.94 -12.58
N PHE A 151 10.80 17.22 -11.75
CA PHE A 151 9.41 17.23 -12.18
C PHE A 151 8.65 18.51 -11.84
N GLY A 152 9.28 19.44 -11.14
CA GLY A 152 8.61 20.68 -10.78
C GLY A 152 7.39 20.41 -9.93
N GLU A 153 6.25 20.95 -10.36
CA GLU A 153 5.00 20.87 -9.63
C GLU A 153 4.13 19.70 -10.08
N LYS A 154 4.67 18.77 -10.86
CA LYS A 154 3.88 17.63 -11.29
C LYS A 154 3.50 16.74 -10.12
N THR A 155 2.33 16.14 -10.24
CA THR A 155 1.78 15.20 -9.27
C THR A 155 2.07 13.76 -9.61
N ILE A 156 2.17 13.42 -10.90
CA ILE A 156 2.26 12.03 -11.33
C ILE A 156 3.11 11.99 -12.58
N VAL A 157 3.98 10.97 -12.64
CA VAL A 157 4.84 10.78 -13.81
C VAL A 157 4.86 9.31 -14.17
N PRO A 158 4.99 9.00 -15.45
CA PRO A 158 5.08 7.60 -15.84
C PRO A 158 6.34 6.96 -15.28
N TRP A 159 6.22 5.67 -14.98
CA TRP A 159 7.35 4.95 -14.40
C TRP A 159 8.62 5.13 -15.22
N LYS A 160 8.50 5.06 -16.55
CA LYS A 160 9.70 5.18 -17.38
C LYS A 160 10.42 6.49 -17.14
N SER A 161 9.67 7.59 -16.95
CA SER A 161 10.28 8.89 -16.68
C SER A 161 10.89 8.95 -15.29
N PHE A 162 10.23 8.34 -14.32
CA PHE A 162 10.75 8.34 -12.98
C PHE A 162 12.05 7.57 -12.91
N ARG A 163 12.06 6.38 -13.53
CA ARG A 163 13.23 5.52 -13.55
C ARG A 163 14.44 6.28 -14.08
N GLN A 164 14.25 6.97 -15.22
CA GLN A 164 15.33 7.75 -15.84
C GLN A 164 15.85 8.83 -14.92
N ALA A 165 14.96 9.63 -14.33
CA ALA A 165 15.36 10.73 -13.46
C ALA A 165 16.09 10.23 -12.23
N LEU A 166 15.60 9.14 -11.62
CA LEU A 166 16.22 8.66 -10.40
C LEU A 166 17.61 8.12 -10.69
N HIS A 167 17.76 7.38 -11.80
CA HIS A 167 19.02 6.76 -12.15
C HIS A 167 20.14 7.78 -12.30
N GLU A 168 19.81 9.01 -12.69
CA GLU A 168 20.81 10.06 -12.81
C GLU A 168 21.40 10.44 -11.46
N VAL A 169 20.64 10.34 -10.37
CA VAL A 169 21.11 10.70 -9.03
C VAL A 169 21.51 9.46 -8.22
N HIS A 170 20.73 8.39 -8.34
CA HIS A 170 20.94 7.16 -7.59
C HIS A 170 20.94 6.05 -8.62
N PRO A 171 22.11 5.66 -9.12
CA PRO A 171 22.14 4.65 -10.20
C PRO A 171 21.53 3.32 -9.76
N ILE A 172 20.74 2.78 -10.67
CA ILE A 172 20.09 1.48 -10.54
C ILE A 172 21.02 0.47 -11.22
N SER A 173 21.31 -0.64 -10.54
CA SER A 173 22.42 -1.50 -10.96
CA SER A 173 22.42 -1.49 -10.96
C SER A 173 22.08 -2.36 -12.17
N SER A 174 20.80 -2.65 -12.40
CA SER A 174 20.42 -3.69 -13.34
C SER A 174 18.94 -3.58 -13.67
N GLY A 175 18.57 -4.23 -14.77
CA GLY A 175 17.17 -4.34 -15.12
C GLY A 175 16.32 -5.01 -14.06
N LEU A 176 16.81 -6.10 -13.48
CA LEU A 176 16.07 -6.80 -12.45
C LEU A 176 15.95 -5.96 -11.19
N GLU A 177 16.97 -5.17 -10.87
CA GLU A 177 16.84 -4.26 -9.74
C GLU A 177 15.80 -3.19 -10.03
N ALA A 178 15.74 -2.67 -11.26
CA ALA A 178 14.70 -1.71 -11.61
C ALA A 178 13.32 -2.31 -11.44
N MET A 179 13.12 -3.58 -11.81
CA MET A 179 11.80 -4.18 -11.68
C MET A 179 11.44 -4.37 -10.21
N ALA A 180 12.43 -4.70 -9.37
CA ALA A 180 12.17 -4.82 -7.93
C ALA A 180 11.84 -3.46 -7.34
N LEU A 181 12.51 -2.41 -7.82
CA LEU A 181 12.22 -1.06 -7.35
C LEU A 181 10.81 -0.68 -7.73
N LYS A 182 10.43 -0.91 -8.98
CA LYS A 182 9.07 -0.60 -9.41
CA LYS A 182 9.07 -0.61 -9.42
C LYS A 182 8.05 -1.32 -8.54
N SER A 183 8.28 -2.60 -8.26
CA SER A 183 7.30 -3.34 -7.48
CA SER A 183 7.34 -3.38 -7.45
CA SER A 183 7.37 -3.40 -7.45
C SER A 183 7.20 -2.79 -6.06
N THR A 184 8.26 -2.18 -5.53
CA THR A 184 8.22 -1.61 -4.19
C THR A 184 7.50 -0.27 -4.17
N ILE A 185 7.79 0.62 -5.14
CA ILE A 185 7.31 2.01 -5.07
C ILE A 185 5.94 2.18 -5.72
N ASP A 186 5.57 1.33 -6.67
CA ASP A 186 4.29 1.46 -7.39
C ASP A 186 3.19 0.77 -6.60
N LEU A 187 2.83 1.40 -5.46
CA LEU A 187 1.86 0.79 -4.56
C LEU A 187 0.47 0.70 -5.16
N THR A 188 0.09 1.60 -6.06
CA THR A 188 -1.22 1.50 -6.70
C THR A 188 -1.18 0.64 -7.95
N CYS A 189 -0.02 0.10 -8.30
CA CYS A 189 0.15 -0.89 -9.37
C CYS A 189 -0.43 -0.37 -10.69
N ASN A 190 -0.06 0.88 -11.05
CA ASN A 190 -0.60 1.54 -12.25
C ASN A 190 0.47 2.02 -13.24
N ASP A 191 1.74 1.66 -13.07
CA ASP A 191 2.83 2.05 -13.97
C ASP A 191 3.07 3.55 -14.00
N TYR A 192 2.55 4.27 -13.01
CA TYR A 192 2.90 5.67 -12.75
C TYR A 192 3.45 5.79 -11.34
N ILE A 193 4.22 6.84 -11.10
CA ILE A 193 4.70 7.17 -9.77
C ILE A 193 4.09 8.53 -9.39
N SER A 194 3.23 8.54 -8.38
CA SER A 194 2.76 9.82 -7.89
C SER A 194 3.71 10.42 -6.86
N VAL A 195 3.56 11.72 -6.64
CA VAL A 195 4.36 12.40 -5.63
C VAL A 195 4.07 11.80 -4.25
N PHE A 196 2.85 11.29 -4.07
CA PHE A 196 2.47 10.61 -2.83
C PHE A 196 3.21 9.28 -2.68
N GLU A 197 3.28 8.48 -3.74
CA GLU A 197 4.04 7.23 -3.69
C GLU A 197 5.51 7.51 -3.47
N PHE A 198 6.02 8.55 -4.11
CA PHE A 198 7.41 8.96 -3.92
C PHE A 198 7.68 9.32 -2.47
N ASP A 199 6.76 10.09 -1.87
CA ASP A 199 6.89 10.44 -0.46
C ASP A 199 6.95 9.21 0.45
N ILE A 200 6.08 8.22 0.21
CA ILE A 200 6.07 7.00 1.02
C ILE A 200 7.40 6.28 0.91
N PHE A 201 7.86 6.04 -0.33
CA PHE A 201 9.09 5.30 -0.52
C PHE A 201 10.27 5.98 0.15
N THR A 202 10.41 7.30 -0.04
CA THR A 202 11.56 8.01 0.50
C THR A 202 11.49 8.19 2.02
N ARG A 203 10.30 8.13 2.61
CA ARG A 203 10.20 8.03 4.07
C ARG A 203 10.63 6.65 4.56
N LEU A 204 10.16 5.59 3.90
CA LEU A 204 10.49 4.23 4.33
C LEU A 204 11.99 3.95 4.22
N PHE A 205 12.64 4.44 3.17
CA PHE A 205 14.02 4.08 2.86
C PHE A 205 14.98 5.25 3.02
N GLN A 206 14.61 6.24 3.83
CA GLN A 206 15.51 7.33 4.22
C GLN A 206 16.71 6.77 4.97
N PRO A 207 17.85 7.50 4.91
CA PRO A 207 18.13 8.80 4.29
C PRO A 207 18.31 8.73 2.79
N TRP A 208 17.88 9.82 2.14
CA TRP A 208 18.01 9.96 0.69
C TRP A 208 19.44 9.73 0.22
N SER A 209 20.42 10.18 1.00
CA SER A 209 21.79 10.12 0.56
C SER A 209 22.24 8.70 0.22
N SER A 210 21.63 7.69 0.85
CA SER A 210 21.96 6.29 0.55
C SER A 210 20.72 5.49 0.18
N LEU A 211 19.76 6.15 -0.46
CA LEU A 211 18.42 5.61 -0.71
C LEU A 211 18.40 4.16 -1.19
N LEU A 212 19.08 3.86 -2.30
CA LEU A 212 18.93 2.52 -2.86
C LEU A 212 19.78 1.49 -2.14
N ARG A 213 20.84 1.91 -1.46
CA ARG A 213 21.57 1.01 -0.58
C ARG A 213 20.70 0.61 0.61
N ASN A 214 19.94 1.57 1.15
CA ASN A 214 19.03 1.26 2.25
C ASN A 214 18.00 0.25 1.81
N TRP A 215 17.39 0.52 0.65
CA TRP A 215 16.37 -0.36 0.12
C TRP A 215 16.94 -1.75 -0.20
N ASN A 216 18.16 -1.80 -0.74
CA ASN A 216 18.76 -3.11 -0.99
C ASN A 216 18.94 -3.90 0.31
N SER A 217 19.40 -3.23 1.37
CA SER A 217 19.68 -3.92 2.63
C SER A 217 18.40 -4.31 3.37
N LEU A 218 17.36 -3.46 3.32
CA LEU A 218 16.13 -3.67 4.09
C LEU A 218 15.07 -4.47 3.35
N ALA A 219 15.16 -4.57 2.02
CA ALA A 219 14.09 -5.19 1.25
C ALA A 219 14.61 -6.15 0.20
N VAL A 220 15.55 -5.71 -0.62
CA VAL A 220 15.92 -6.53 -1.78
C VAL A 220 16.56 -7.84 -1.33
N THR A 221 17.42 -7.79 -0.30
CA THR A 221 18.18 -8.95 0.14
C THR A 221 17.82 -9.42 1.55
N HIS A 222 16.80 -8.84 2.18
CA HIS A 222 16.51 -9.15 3.57
C HIS A 222 15.40 -10.18 3.63
N PRO A 223 15.64 -11.34 4.26
CA PRO A 223 14.60 -12.38 4.35
C PRO A 223 13.42 -12.00 5.21
N GLY A 224 13.54 -10.99 6.06
CA GLY A 224 12.43 -10.59 6.90
C GLY A 224 11.41 -9.71 6.23
N TYR A 225 11.75 -9.09 5.10
CA TYR A 225 10.88 -8.13 4.46
C TYR A 225 9.75 -8.84 3.72
N MET A 226 8.52 -8.35 3.87
CA MET A 226 7.36 -8.97 3.24
C MET A 226 6.62 -7.92 2.41
N ALA A 227 6.74 -8.03 1.10
CA ALA A 227 6.02 -7.11 0.23
C ALA A 227 4.53 -7.45 0.20
N PHE A 228 3.69 -6.40 0.20
CA PHE A 228 2.24 -6.50 0.01
C PHE A 228 1.63 -7.55 0.93
N LEU A 229 1.98 -7.47 2.21
CA LEU A 229 1.44 -8.34 3.24
C LEU A 229 0.64 -7.49 4.23
N THR A 230 -0.46 -8.03 4.71
CA THR A 230 -1.31 -7.34 5.68
C THR A 230 -1.01 -7.81 7.10
N TYR A 231 -1.58 -7.08 8.07
CA TYR A 231 -1.47 -7.42 9.49
C TYR A 231 -1.86 -8.87 9.76
N ASP A 232 -3.04 -9.29 9.27
CA ASP A 232 -3.51 -10.65 9.51
C ASP A 232 -2.64 -11.69 8.82
N GLU A 233 -2.08 -11.37 7.64
CA GLU A 233 -1.18 -12.33 6.99
C GLU A 233 0.14 -12.46 7.74
N VAL A 234 0.62 -11.39 8.37
CA VAL A 234 1.82 -11.49 9.19
C VAL A 234 1.57 -12.41 10.37
N LYS A 235 0.43 -12.23 11.03
CA LYS A 235 0.09 -13.09 12.15
C LYS A 235 0.01 -14.55 11.72
N ALA A 236 -0.65 -14.81 10.59
CA ALA A 236 -0.74 -16.16 10.05
C ALA A 236 0.63 -16.74 9.70
N ARG A 237 1.51 -15.93 9.11
CA ARG A 237 2.82 -16.45 8.68
C ARG A 237 3.72 -16.77 9.87
N LEU A 238 3.59 -16.03 10.96
CA LEU A 238 4.44 -16.29 12.14
C LEU A 238 3.90 -17.44 13.00
N GLN A 239 2.67 -17.89 12.76
CA GLN A 239 2.09 -18.97 13.57
CA GLN A 239 2.11 -18.94 13.60
C GLN A 239 2.99 -20.20 13.60
N LYS A 240 3.62 -20.52 12.46
CA LYS A 240 4.42 -21.74 12.42
C LYS A 240 5.67 -21.63 13.27
N PHE A 241 6.05 -20.41 13.67
CA PHE A 241 7.21 -20.16 14.52
C PHE A 241 6.83 -19.83 15.96
N ILE A 242 5.64 -20.24 16.38
CA ILE A 242 5.14 -19.84 17.69
C ILE A 242 6.01 -20.41 18.80
N HIS A 243 6.68 -21.53 18.55
CA HIS A 243 7.62 -22.10 19.49
C HIS A 243 9.06 -21.67 19.24
N LYS A 244 9.27 -20.65 18.39
CA LYS A 244 10.60 -20.13 18.12
C LYS A 244 10.61 -18.63 18.40
N PRO A 245 10.60 -18.26 19.67
CA PRO A 245 10.65 -16.84 20.01
C PRO A 245 11.87 -16.16 19.41
N GLY A 246 11.68 -14.92 19.01
CA GLY A 246 12.67 -14.20 18.25
C GLY A 246 12.45 -14.21 16.75
N SER A 247 11.53 -15.04 16.25
CA SER A 247 11.19 -15.00 14.83
C SER A 247 10.44 -13.70 14.53
N TYR A 248 10.76 -13.07 13.40
CA TYR A 248 10.18 -11.77 13.09
C TYR A 248 10.15 -11.56 11.59
N ILE A 249 9.23 -10.69 11.14
CA ILE A 249 9.13 -10.23 9.77
C ILE A 249 8.70 -8.77 9.83
N PHE A 250 8.81 -8.04 8.73
CA PHE A 250 8.41 -6.65 8.73
C PHE A 250 7.89 -6.27 7.36
N ARG A 251 7.16 -5.16 7.31
CA ARG A 251 6.38 -4.80 6.14
C ARG A 251 5.96 -3.34 6.26
N LEU A 252 5.44 -2.80 5.16
CA LEU A 252 4.74 -1.52 5.20
C LEU A 252 3.47 -1.63 6.04
N SER A 253 3.32 -0.72 6.98
CA SER A 253 2.02 -0.49 7.58
C SER A 253 1.02 -0.07 6.52
N CYS A 254 -0.17 -0.65 6.55
CA CYS A 254 -1.22 -0.28 5.62
C CYS A 254 -1.97 0.97 6.04
N THR A 255 -2.20 1.17 7.35
CA THR A 255 -2.97 2.31 7.82
C THR A 255 -2.13 3.51 8.19
N ARG A 256 -0.83 3.36 8.32
CA ARG A 256 0.09 4.46 8.60
C ARG A 256 1.16 4.45 7.50
N LEU A 257 0.73 4.82 6.30
CA LEU A 257 1.60 4.67 5.12
C LEU A 257 2.81 5.56 5.23
N GLY A 258 3.97 4.98 4.95
CA GLY A 258 5.23 5.63 5.19
C GLY A 258 5.94 5.15 6.42
N GLN A 259 5.28 4.34 7.25
CA GLN A 259 5.86 3.76 8.44
C GLN A 259 5.92 2.25 8.34
N TRP A 260 6.85 1.67 9.10
CA TRP A 260 7.08 0.23 9.13
C TRP A 260 6.29 -0.47 10.23
N ALA A 261 5.89 -1.72 9.96
CA ALA A 261 5.34 -2.58 10.99
C ALA A 261 6.17 -3.85 11.12
N ILE A 262 6.61 -4.17 12.33
CA ILE A 262 7.43 -5.35 12.64
C ILE A 262 6.56 -6.34 13.41
N GLY A 263 6.46 -7.58 12.93
CA GLY A 263 5.77 -8.64 13.65
C GLY A 263 6.77 -9.61 14.26
N TYR A 264 6.49 -10.09 15.47
CA TYR A 264 7.49 -10.94 16.11
C TYR A 264 6.81 -11.85 17.14
N VAL A 265 7.47 -12.98 17.38
CA VAL A 265 7.03 -14.00 18.34
C VAL A 265 7.78 -13.75 19.65
N THR A 266 7.03 -13.57 20.74
CA THR A 266 7.64 -13.39 22.06
C THR A 266 7.87 -14.72 22.76
N ALA A 267 8.68 -14.66 23.82
CA ALA A 267 8.95 -15.85 24.61
C ALA A 267 7.71 -16.33 25.36
N ASP A 268 6.73 -15.45 25.59
CA ASP A 268 5.46 -15.80 26.23
C ASP A 268 4.46 -16.44 25.28
N GLY A 269 4.76 -16.50 23.99
CA GLY A 269 3.88 -17.11 23.02
C GLY A 269 2.87 -16.17 22.40
N ASN A 270 3.14 -14.87 22.40
CA ASN A 270 2.32 -13.91 21.71
C ASN A 270 2.97 -13.60 20.37
N ILE A 271 2.14 -13.25 19.39
CA ILE A 271 2.59 -12.72 18.12
C ILE A 271 2.17 -11.25 18.09
N LEU A 272 3.13 -10.36 18.24
CA LEU A 272 2.85 -8.93 18.38
C LEU A 272 3.34 -8.20 17.15
N GLN A 273 2.72 -7.03 16.92
CA GLN A 273 3.17 -6.14 15.85
C GLN A 273 3.33 -4.74 16.39
N THR A 274 4.41 -4.08 15.97
CA THR A 274 4.82 -2.80 16.51
C THR A 274 5.29 -1.92 15.36
N ILE A 275 4.98 -0.62 15.47
CA ILE A 275 5.42 0.40 14.53
C ILE A 275 6.50 1.23 15.22
N PRO A 276 7.76 1.13 14.80
CA PRO A 276 8.82 1.90 15.44
C PRO A 276 8.56 3.39 15.32
N HIS A 277 8.78 4.10 16.43
CA HIS A 277 8.66 5.54 16.49
C HIS A 277 10.00 6.08 16.97
N ASN A 278 10.42 7.21 16.41
CA ASN A 278 11.57 7.93 16.92
C ASN A 278 12.84 7.11 16.81
N LYS A 279 12.87 6.20 15.85
CA LYS A 279 14.08 5.52 15.48
C LYS A 279 13.87 4.99 14.09
N PRO A 280 14.87 5.04 13.23
CA PRO A 280 14.73 4.47 11.90
C PRO A 280 14.69 2.95 11.98
N LEU A 281 14.17 2.33 10.91
CA LEU A 281 14.01 0.89 10.88
C LEU A 281 15.33 0.18 11.12
N PHE A 282 16.42 0.70 10.51
CA PHE A 282 17.74 0.11 10.71
C PHE A 282 18.03 -0.05 12.20
N GLN A 283 17.80 1.00 12.98
CA GLN A 283 18.14 0.94 14.39
C GLN A 283 17.19 0.04 15.17
N ALA A 284 15.90 0.06 14.82
CA ALA A 284 14.94 -0.85 15.42
C ALA A 284 15.37 -2.30 15.24
N LEU A 285 15.80 -2.67 14.04
CA LEU A 285 16.22 -4.04 13.78
C LEU A 285 17.54 -4.37 14.48
N ILE A 286 18.47 -3.42 14.51
CA ILE A 286 19.74 -3.66 15.19
C ILE A 286 19.51 -3.80 16.69
N ASP A 287 18.80 -2.85 17.29
CA ASP A 287 18.53 -2.92 18.73
C ASP A 287 17.74 -4.17 19.06
N GLY A 288 16.75 -4.49 18.22
CA GLY A 288 15.91 -5.64 18.50
C GLY A 288 16.67 -6.94 18.43
N PHE A 289 17.67 -7.01 17.56
CA PHE A 289 18.52 -8.20 17.53
C PHE A 289 19.36 -8.28 18.80
N ARG A 290 20.04 -7.18 19.14
CA ARG A 290 20.90 -7.13 20.32
C ARG A 290 20.17 -7.45 21.60
N GLU A 291 18.90 -7.10 21.68
CA GLU A 291 18.14 -7.31 22.89
C GLU A 291 17.32 -8.58 22.85
N GLY A 292 17.45 -9.38 21.80
CA GLY A 292 16.90 -10.72 21.78
C GLY A 292 15.49 -10.88 21.22
N PHE A 293 14.93 -9.84 20.61
CA PHE A 293 13.54 -9.87 20.11
C PHE A 293 13.45 -10.18 18.63
N TYR A 294 14.38 -9.67 17.82
CA TYR A 294 14.34 -9.78 16.37
C TYR A 294 15.56 -10.58 15.92
N LEU A 295 15.46 -11.90 16.10
CA LEU A 295 16.58 -12.82 15.90
C LEU A 295 16.52 -13.60 14.60
N PHE A 296 15.35 -14.08 14.19
CA PHE A 296 15.23 -15.11 13.17
C PHE A 296 14.29 -14.58 12.10
N PRO A 297 14.82 -13.96 11.05
CA PRO A 297 13.96 -13.30 10.06
C PRO A 297 13.21 -14.35 9.26
N ASP A 298 11.88 -14.24 9.28
CA ASP A 298 11.02 -15.26 8.68
C ASP A 298 11.39 -16.64 9.21
N GLY A 299 11.81 -16.68 10.48
CA GLY A 299 12.15 -17.91 11.16
C GLY A 299 13.49 -18.49 10.82
N ARG A 300 14.30 -17.81 10.02
CA ARG A 300 15.59 -18.36 9.63
C ARG A 300 16.65 -18.18 10.69
N ASN A 301 17.61 -19.11 10.77
CA ASN A 301 18.54 -19.09 11.88
C ASN A 301 19.53 -17.95 11.80
N GLN A 302 19.87 -17.52 10.59
CA GLN A 302 20.83 -16.44 10.38
C GLN A 302 20.11 -15.12 10.09
N ASN A 303 20.60 -14.06 10.68
CA ASN A 303 20.04 -12.72 10.57
C ASN A 303 21.02 -11.83 9.83
N PRO A 304 20.57 -11.02 8.87
CA PRO A 304 21.49 -10.07 8.23
C PRO A 304 22.14 -9.15 9.26
N ASP A 305 23.40 -8.81 9.02
CA ASP A 305 24.11 -7.85 9.85
C ASP A 305 23.94 -6.47 9.21
N LEU A 306 23.16 -5.60 9.84
CA LEU A 306 22.89 -4.28 9.31
C LEU A 306 23.78 -3.22 9.92
N THR A 307 24.73 -3.62 10.74
CA THR A 307 25.74 -2.69 11.25
C THR A 307 26.94 -2.60 10.31
N HIS B 5 -30.26 -9.64 3.81
CA HIS B 5 -30.21 -8.47 2.95
C HIS B 5 -28.79 -7.98 2.70
N VAL B 6 -28.46 -7.73 1.43
CA VAL B 6 -27.11 -7.35 0.99
C VAL B 6 -27.07 -5.84 0.83
N LEU B 7 -26.06 -5.20 1.42
CA LEU B 7 -25.97 -3.74 1.41
C LEU B 7 -25.33 -3.22 0.13
N SER B 8 -25.82 -2.09 -0.34
CA SER B 8 -25.28 -1.45 -1.52
C SER B 8 -24.11 -0.54 -1.14
N LEU B 9 -23.34 -0.15 -2.17
CA LEU B 9 -22.15 0.69 -1.98
C LEU B 9 -22.45 1.93 -1.15
N ASP B 10 -23.61 2.55 -1.37
CA ASP B 10 -23.94 3.81 -0.71
C ASP B 10 -24.68 3.61 0.60
N GLN B 11 -25.04 2.38 0.95
CA GLN B 11 -25.66 2.11 2.23
C GLN B 11 -24.63 1.81 3.31
N ILE B 12 -23.49 1.21 2.95
CA ILE B 12 -22.45 0.87 3.91
C ILE B 12 -21.80 2.13 4.46
N ARG B 13 -21.63 2.18 5.78
CA ARG B 13 -20.74 3.15 6.41
C ARG B 13 -19.60 2.38 7.06
N ALA B 14 -18.37 2.80 6.79
CA ALA B 14 -17.20 2.05 7.24
C ALA B 14 -17.26 1.78 8.75
N ILE B 15 -16.81 0.58 9.14
CA ILE B 15 -16.64 0.23 10.55
C ILE B 15 -15.36 0.84 11.10
N ARG B 16 -14.29 0.81 10.30
CA ARG B 16 -12.99 1.38 10.67
C ARG B 16 -12.39 0.70 11.91
N ASN B 17 -12.47 -0.63 11.96
CA ASN B 17 -11.68 -1.33 12.96
CA ASN B 17 -11.67 -1.36 12.93
C ASN B 17 -10.21 -1.03 12.71
N THR B 18 -9.44 -1.08 13.78
CA THR B 18 -8.01 -0.82 13.74
C THR B 18 -7.31 -2.10 14.18
N ASN B 19 -6.16 -2.40 13.60
CA ASN B 19 -5.37 -3.52 14.09
C ASN B 19 -4.55 -3.09 15.30
N GLU B 20 -4.16 -4.05 16.11
CA GLU B 20 -3.50 -3.73 17.39
C GLU B 20 -1.98 -3.62 17.22
N PTR B 21 -1.48 -2.38 17.25
CA PTR B 21 -0.04 -2.19 17.22
C PTR B 21 0.38 -1.84 18.62
O PTR B 21 -0.17 -0.90 19.20
CB PTR B 21 0.34 -1.09 16.25
CG PTR B 21 0.06 -1.46 14.79
CD1 PTR B 21 0.88 -2.37 14.13
CD2 PTR B 21 -1.01 -0.91 14.07
CE1 PTR B 21 0.64 -2.72 12.81
CE2 PTR B 21 -1.24 -1.25 12.74
CZ PTR B 21 -0.40 -2.15 12.11
OH PTR B 21 -0.57 -2.53 10.85
P PTR B 21 -1.59 -1.89 9.77
O1P PTR B 21 -1.36 -0.38 9.71
O2P PTR B 21 -1.27 -2.59 8.48
O3P PTR B 21 -2.98 -2.23 10.24
N THR B 22 1.34 -2.57 19.16
CA THR B 22 1.70 -2.45 20.57
C THR B 22 3.08 -1.80 20.71
N GLU B 23 3.46 -1.45 21.94
CA GLU B 23 4.69 -0.68 22.14
C GLU B 23 5.90 -1.54 21.77
N GLY B 24 6.93 -0.88 21.29
CA GLY B 24 8.14 -1.57 20.89
C GLY B 24 8.80 -2.31 22.04
N PRO B 25 9.49 -3.41 21.74
CA PRO B 25 10.12 -4.17 22.82
C PRO B 25 11.43 -3.59 23.32
N THR B 26 12.02 -2.66 22.60
CA THR B 26 13.28 -2.00 23.02
C THR B 26 13.09 -0.52 23.35
CL CL C . 16.34 11.97 3.73
CL CL D . 7.58 19.58 -1.78
NA NA E . 1.66 4.00 -9.01
C22 1PE F . 16.57 3.18 -17.17
OH3 1PE F . 17.81 3.27 -16.48
C13 1PE F . 17.62 1.35 -15.13
C23 1PE F . 17.74 2.86 -15.14
OH4 1PE F . 18.88 0.87 -14.77
C14 1PE F . 19.31 -1.08 -15.98
C24 1PE F . 18.80 -0.54 -14.66
OH5 1PE F . 18.14 -1.37 -16.73
C15 1PE F . 17.22 -2.51 -18.64
C25 1PE F . 18.48 -2.08 -17.90
OH6 1PE F . 16.47 -1.40 -19.11
C16 1PE F . 14.57 -0.78 -20.49
C26 1PE F . 15.29 -1.90 -19.74
OH7 1PE F . 15.40 0.39 -20.49
#